data_1DAJ
#
_entry.id   1DAJ
#
_cell.length_a   37.171
_cell.length_b   43.094
_cell.length_c   61.049
_cell.angle_alpha   90.00
_cell.angle_beta   94.85
_cell.angle_gamma   90.00
#
_symmetry.space_group_name_H-M   'P 1 21 1'
#
loop_
_entity.id
_entity.type
_entity.pdbx_description
1 polymer 'DIHYDROFOLATE REDUCTASE'
2 non-polymer 'NADPH DIHYDRO-NICOTINAMIDE-ADENINE-DINUCLEOTIDE PHOSPHATE'
3 non-polymer N-[4-[(2,4-DIAMINOFURO[2,3D]PYRIMIDIN-5-YL)METHYL]METHYLAMINO]-BENZOYL]-L-GLUTAMATE
4 water water
#
_entity_poly.entity_id   1
_entity_poly.type   'polypeptide(L)'
_entity_poly.pdbx_seq_one_letter_code
;MNQQKSLTLIVALTTSYGIGRSNSLPWKLKKEISYFKRVTSFVPTFDSFESMNVVLMGRKTWESIPLQFRPLKGRINVVI
TRNESLDLGNGIHSAKSLDHALELLYRTYGSESSVQINRIFVIGGAQLYKAAMDHPKLDRIMATIIYKDIHCDVFFPLKF
RDKEWSSVWKKEKHSDLESWVGTKVPHGKINEDGFDYEFEMWTRDL
;
_entity_poly.pdbx_strand_id   A
#
# COMPACT_ATOMS: atom_id res chain seq x y z
N MET A 1 17.57 6.51 -13.92
CA MET A 1 16.14 6.25 -14.15
C MET A 1 15.69 4.96 -13.48
N ASN A 2 15.34 5.03 -12.20
CA ASN A 2 14.92 3.79 -11.50
C ASN A 2 14.27 3.99 -10.15
N GLN A 3 14.98 4.76 -9.31
CA GLN A 3 14.50 5.07 -7.96
C GLN A 3 14.72 6.54 -7.62
N GLN A 4 13.62 7.26 -7.54
CA GLN A 4 13.71 8.71 -7.22
C GLN A 4 12.87 8.95 -5.97
N LYS A 5 11.59 8.64 -6.06
CA LYS A 5 10.66 8.81 -4.95
C LYS A 5 10.85 7.65 -3.96
N SER A 6 10.10 7.83 -2.89
CA SER A 6 10.03 6.84 -1.79
C SER A 6 8.98 5.79 -2.16
N LEU A 7 8.92 4.76 -1.35
CA LEU A 7 7.95 3.67 -1.47
C LEU A 7 7.19 3.72 -0.12
N THR A 8 5.90 3.64 -0.18
CA THR A 8 5.07 3.63 1.03
C THR A 8 4.44 2.22 0.93
N LEU A 9 4.23 1.61 2.07
CA LEU A 9 3.59 0.27 2.08
C LEU A 9 2.30 0.55 2.86
N ILE A 10 1.27 -0.18 2.54
CA ILE A 10 -0.02 0.02 3.25
C ILE A 10 -0.66 -1.35 3.46
N VAL A 11 -0.97 -1.58 4.72
CA VAL A 11 -1.55 -2.85 5.15
C VAL A 11 -2.49 -2.76 6.33
N ALA A 12 -3.24 -3.86 6.42
CA ALA A 12 -4.20 -4.09 7.49
C ALA A 12 -3.72 -5.47 8.01
N LEU A 13 -3.24 -5.47 9.24
CA LEU A 13 -2.74 -6.70 9.81
C LEU A 13 -3.14 -6.78 11.29
N THR A 14 -3.30 -8.00 11.75
CA THR A 14 -3.63 -8.20 13.19
C THR A 14 -2.34 -8.11 13.99
N THR A 15 -2.49 -8.06 15.29
CA THR A 15 -1.39 -7.98 16.24
C THR A 15 -0.31 -9.03 16.01
N SER A 16 -0.67 -10.15 15.41
CA SER A 16 0.23 -11.29 15.13
C SER A 16 0.76 -11.35 13.70
N TYR A 17 0.64 -10.27 12.96
CA TYR A 17 1.08 -10.08 11.57
C TYR A 17 0.33 -10.80 10.49
N GLY A 18 -0.88 -11.22 10.84
CA GLY A 18 -1.75 -11.92 9.86
C GLY A 18 -2.35 -10.83 8.98
N ILE A 19 -2.26 -11.03 7.68
CA ILE A 19 -2.77 -10.09 6.69
C ILE A 19 -3.78 -10.67 5.72
N GLY A 20 -4.03 -11.96 5.77
CA GLY A 20 -4.99 -12.62 4.87
C GLY A 20 -5.25 -14.05 5.31
N ARG A 21 -6.18 -14.69 4.63
CA ARG A 21 -6.59 -16.06 4.93
C ARG A 21 -7.29 -16.65 3.71
N SER A 22 -6.67 -17.70 3.20
CA SER A 22 -7.21 -18.39 2.02
C SER A 22 -7.28 -17.41 0.86
N ASN A 23 -6.13 -16.84 0.56
CA ASN A 23 -5.98 -15.89 -0.54
C ASN A 23 -7.11 -14.84 -0.52
N SER A 24 -7.52 -14.46 0.69
CA SER A 24 -8.61 -13.47 0.84
C SER A 24 -8.59 -12.77 2.20
N LEU A 25 -9.29 -11.65 2.25
CA LEU A 25 -9.42 -10.81 3.46
C LEU A 25 -10.53 -11.34 4.36
N PRO A 26 -10.06 -11.93 5.45
CA PRO A 26 -10.96 -12.53 6.44
C PRO A 26 -11.60 -11.53 7.38
N TRP A 27 -12.02 -10.40 6.83
CA TRP A 27 -12.69 -9.36 7.62
C TRP A 27 -13.25 -8.23 6.76
N LYS A 28 -14.41 -7.80 7.14
CA LYS A 28 -15.16 -6.70 6.51
C LYS A 28 -15.00 -5.43 7.35
N LEU A 29 -14.06 -4.64 6.89
CA LEU A 29 -13.68 -3.34 7.45
C LEU A 29 -13.90 -2.29 6.38
N LYS A 30 -15.17 -2.03 6.12
CA LYS A 30 -15.68 -1.11 5.11
C LYS A 30 -15.20 0.33 5.27
N LYS A 31 -14.97 0.77 6.49
CA LYS A 31 -14.47 2.13 6.74
C LYS A 31 -12.95 2.03 6.72
N GLU A 32 -12.49 0.78 6.93
CA GLU A 32 -11.03 0.55 6.90
C GLU A 32 -10.66 0.72 5.40
N ILE A 33 -11.48 0.14 4.55
CA ILE A 33 -11.33 0.18 3.09
C ILE A 33 -11.55 1.58 2.49
N SER A 34 -12.10 2.47 3.30
CA SER A 34 -12.34 3.86 2.88
C SER A 34 -11.12 4.70 3.23
N TYR A 35 -10.43 4.22 4.26
CA TYR A 35 -9.19 4.86 4.72
C TYR A 35 -8.24 4.66 3.53
N PHE A 36 -8.19 3.37 3.21
CA PHE A 36 -7.38 2.83 2.11
C PHE A 36 -7.56 3.72 0.89
N LYS A 37 -8.77 3.68 0.35
CA LYS A 37 -9.19 4.44 -0.81
C LYS A 37 -8.73 5.89 -0.72
N ARG A 38 -9.05 6.46 0.43
CA ARG A 38 -8.75 7.82 0.83
C ARG A 38 -7.25 8.04 0.68
N VAL A 39 -6.51 7.28 1.49
CA VAL A 39 -5.04 7.37 1.48
C VAL A 39 -4.43 7.23 0.09
N THR A 40 -4.75 6.14 -0.57
CA THR A 40 -4.18 5.85 -1.88
C THR A 40 -4.61 6.75 -3.02
N SER A 41 -5.54 7.66 -2.77
CA SER A 41 -6.00 8.55 -3.88
C SER A 41 -5.52 9.98 -3.65
N PHE A 42 -5.34 10.34 -2.40
CA PHE A 42 -4.92 11.66 -1.98
C PHE A 42 -3.69 12.30 -2.64
N VAL A 43 -4.02 13.35 -3.38
CA VAL A 43 -3.04 14.20 -4.07
C VAL A 43 -3.34 15.65 -3.65
N PRO A 44 -2.31 16.39 -3.31
CA PRO A 44 -2.43 17.79 -2.90
C PRO A 44 -3.12 18.55 -4.03
N THR A 45 -4.13 19.31 -3.63
CA THR A 45 -4.95 20.05 -4.60
C THR A 45 -4.21 20.76 -5.73
N PHE A 46 -3.23 21.55 -5.38
CA PHE A 46 -2.48 22.29 -6.40
C PHE A 46 -1.89 21.34 -7.45
N ASP A 47 -1.60 20.14 -6.99
CA ASP A 47 -1.04 19.05 -7.78
C ASP A 47 -2.19 18.19 -8.31
N SER A 48 -3.35 18.28 -7.69
CA SER A 48 -4.55 17.54 -8.06
C SER A 48 -4.82 17.68 -9.56
N PHE A 49 -4.05 18.55 -10.21
CA PHE A 49 -4.29 18.73 -11.66
C PHE A 49 -3.60 17.76 -12.60
N GLU A 50 -2.33 17.52 -12.45
CA GLU A 50 -1.56 16.63 -13.33
C GLU A 50 -1.18 15.27 -12.72
N SER A 51 -1.01 15.28 -11.41
CA SER A 51 -0.59 14.21 -10.54
C SER A 51 -1.57 13.14 -10.09
N MET A 52 -1.02 11.93 -10.08
CA MET A 52 -1.66 10.68 -9.67
C MET A 52 -0.70 9.84 -8.81
N ASN A 53 -1.33 9.01 -8.00
CA ASN A 53 -0.62 8.08 -7.11
C ASN A 53 -0.53 6.74 -7.89
N VAL A 54 0.39 5.91 -7.43
CA VAL A 54 0.61 4.57 -8.00
C VAL A 54 0.42 3.52 -6.91
N VAL A 55 -0.36 2.51 -7.20
CA VAL A 55 -0.64 1.37 -6.30
C VAL A 55 -0.04 0.09 -6.94
N LEU A 56 0.95 -0.44 -6.22
CA LEU A 56 1.64 -1.67 -6.64
C LEU A 56 1.04 -2.84 -5.83
N MET A 57 0.75 -3.93 -6.53
CA MET A 57 0.18 -5.14 -6.01
C MET A 57 0.70 -6.36 -6.77
N GLY A 58 0.72 -7.46 -6.05
CA GLY A 58 1.14 -8.78 -6.55
C GLY A 58 -0.10 -9.30 -7.31
N ARG A 59 0.11 -10.30 -8.15
CA ARG A 59 -0.93 -10.90 -8.98
C ARG A 59 -2.17 -11.35 -8.22
N LYS A 60 -1.96 -11.92 -7.07
CA LYS A 60 -3.00 -12.47 -6.19
C LYS A 60 -3.90 -11.43 -5.57
N THR A 61 -3.37 -10.26 -5.26
CA THR A 61 -4.14 -9.16 -4.68
C THR A 61 -5.09 -8.67 -5.79
N TRP A 62 -4.47 -8.60 -6.97
CA TRP A 62 -5.25 -8.16 -8.14
C TRP A 62 -6.49 -9.04 -8.25
N GLU A 63 -6.33 -10.35 -8.19
CA GLU A 63 -7.50 -11.24 -8.30
C GLU A 63 -8.51 -11.05 -7.20
N SER A 64 -8.04 -10.48 -6.11
CA SER A 64 -8.86 -10.21 -4.90
C SER A 64 -9.65 -8.91 -4.98
N ILE A 65 -9.44 -8.15 -6.04
CA ILE A 65 -10.16 -6.87 -6.23
C ILE A 65 -11.40 -7.16 -7.09
N PRO A 66 -12.54 -6.96 -6.43
CA PRO A 66 -13.83 -7.20 -7.10
C PRO A 66 -13.81 -6.47 -8.43
N LEU A 67 -14.24 -7.21 -9.42
CA LEU A 67 -14.33 -6.80 -10.82
C LEU A 67 -14.87 -5.38 -10.88
N GLN A 68 -15.75 -5.18 -9.89
CA GLN A 68 -16.46 -3.93 -9.67
C GLN A 68 -15.44 -2.82 -9.41
N PHE A 69 -14.47 -3.15 -8.57
CA PHE A 69 -13.45 -2.17 -8.16
C PHE A 69 -12.08 -2.23 -8.81
N ARG A 70 -12.03 -2.73 -10.02
CA ARG A 70 -10.79 -2.88 -10.79
C ARG A 70 -10.81 -2.17 -12.15
N PRO A 71 -9.79 -1.40 -12.47
CA PRO A 71 -8.61 -1.11 -11.65
C PRO A 71 -9.09 -0.11 -10.61
N LEU A 72 -8.25 0.15 -9.65
CA LEU A 72 -8.60 1.12 -8.60
C LEU A 72 -8.75 2.42 -9.37
N LYS A 73 -9.81 3.14 -9.12
CA LYS A 73 -10.11 4.41 -9.80
C LYS A 73 -9.43 5.60 -9.15
N GLY A 74 -8.76 6.40 -9.96
CA GLY A 74 -8.04 7.61 -9.57
C GLY A 74 -6.56 7.29 -9.28
N ARG A 75 -6.17 6.06 -9.53
CA ARG A 75 -4.78 5.63 -9.29
C ARG A 75 -4.24 4.77 -10.42
N ILE A 76 -2.93 4.87 -10.60
CA ILE A 76 -2.22 4.08 -11.61
C ILE A 76 -1.97 2.73 -10.95
N ASN A 77 -2.39 1.65 -11.57
CA ASN A 77 -2.17 0.32 -10.97
C ASN A 77 -1.07 -0.37 -11.80
N VAL A 78 -0.25 -1.13 -11.10
CA VAL A 78 0.83 -1.89 -11.66
C VAL A 78 0.90 -3.23 -10.90
N VAL A 79 0.59 -4.27 -11.63
CA VAL A 79 0.58 -5.65 -11.11
C VAL A 79 1.98 -6.25 -11.30
N ILE A 80 2.61 -6.74 -10.25
CA ILE A 80 3.95 -7.33 -10.32
C ILE A 80 3.73 -8.81 -10.66
N THR A 81 4.24 -9.20 -11.80
CA THR A 81 4.08 -10.57 -12.30
C THR A 81 5.18 -11.03 -13.25
N ARG A 82 5.80 -12.14 -12.89
CA ARG A 82 6.87 -12.72 -13.72
C ARG A 82 6.13 -13.51 -14.82
N ASN A 83 5.15 -14.20 -14.27
CA ASN A 83 4.26 -15.08 -15.04
C ASN A 83 3.17 -14.28 -15.74
N GLU A 84 3.72 -13.30 -16.43
CA GLU A 84 2.94 -12.39 -17.27
C GLU A 84 2.98 -13.20 -18.58
N SER A 85 1.80 -13.54 -19.04
CA SER A 85 1.62 -14.30 -20.30
C SER A 85 1.04 -13.21 -21.20
N LEU A 86 0.00 -12.68 -20.58
CA LEU A 86 -0.82 -11.58 -21.10
C LEU A 86 -1.71 -11.16 -19.93
N ASP A 87 -1.43 -9.94 -19.51
CA ASP A 87 -2.21 -9.33 -18.40
C ASP A 87 -3.45 -8.90 -19.20
N LEU A 88 -4.53 -8.54 -18.54
CA LEU A 88 -5.70 -8.09 -19.29
C LEU A 88 -6.20 -6.82 -18.58
N GLY A 89 -5.93 -5.72 -19.26
CA GLY A 89 -6.31 -4.39 -18.80
C GLY A 89 -5.87 -3.33 -19.81
N ASN A 90 -6.73 -2.34 -19.88
CA ASN A 90 -6.67 -1.16 -20.73
C ASN A 90 -5.90 -0.02 -20.06
N GLY A 91 -4.62 -0.28 -19.84
CA GLY A 91 -3.78 0.76 -19.21
C GLY A 91 -3.49 0.32 -17.76
N ILE A 92 -3.36 -0.98 -17.66
CA ILE A 92 -3.04 -1.62 -16.36
C ILE A 92 -1.77 -2.43 -16.67
N HIS A 93 -0.70 -1.75 -16.33
CA HIS A 93 0.66 -2.24 -16.52
C HIS A 93 0.95 -3.49 -15.71
N SER A 94 1.90 -4.19 -16.27
CA SER A 94 2.47 -5.45 -15.79
C SER A 94 4.00 -5.33 -15.84
N ALA A 95 4.60 -5.38 -14.68
CA ALA A 95 6.07 -5.31 -14.51
C ALA A 95 6.51 -6.68 -13.98
N LYS A 96 7.73 -7.09 -14.28
CA LYS A 96 8.17 -8.42 -13.82
C LYS A 96 8.66 -8.44 -12.40
N SER A 97 8.93 -7.29 -11.83
CA SER A 97 9.38 -7.12 -10.47
C SER A 97 9.22 -5.65 -10.09
N LEU A 98 9.43 -5.37 -8.83
CA LEU A 98 9.32 -4.10 -8.16
C LEU A 98 10.18 -3.00 -8.74
N ASP A 99 11.35 -3.32 -9.26
CA ASP A 99 12.22 -2.27 -9.80
C ASP A 99 11.95 -2.03 -11.29
N HIS A 100 11.42 -3.06 -11.88
CA HIS A 100 11.01 -3.10 -13.30
C HIS A 100 9.74 -2.22 -13.33
N ALA A 101 8.92 -2.49 -12.32
CA ALA A 101 7.67 -1.69 -12.23
C ALA A 101 8.04 -0.22 -12.20
N LEU A 102 8.99 0.08 -11.34
CA LEU A 102 9.53 1.42 -11.09
C LEU A 102 10.26 2.07 -12.25
N GLU A 103 10.63 1.37 -13.30
CA GLU A 103 11.34 2.04 -14.43
C GLU A 103 10.39 2.10 -15.61
N LEU A 104 9.26 1.45 -15.43
CA LEU A 104 8.19 1.39 -16.41
C LEU A 104 7.40 2.70 -16.28
N LEU A 105 7.11 3.03 -15.04
CA LEU A 105 6.37 4.23 -14.64
C LEU A 105 7.24 5.45 -14.94
N TYR A 106 8.48 5.32 -14.53
CA TYR A 106 9.49 6.37 -14.72
C TYR A 106 9.69 6.53 -16.24
N ARG A 107 9.60 5.41 -16.94
CA ARG A 107 9.75 5.42 -18.40
C ARG A 107 8.46 5.92 -19.04
N THR A 108 7.37 5.24 -18.73
CA THR A 108 6.04 5.57 -19.26
C THR A 108 5.40 6.83 -18.72
N TYR A 109 5.84 7.38 -17.60
CA TYR A 109 5.23 8.60 -17.05
C TYR A 109 6.19 9.70 -16.63
N GLY A 110 6.91 10.25 -17.58
CA GLY A 110 7.87 11.33 -17.31
C GLY A 110 7.44 12.62 -18.05
N SER A 111 8.25 13.63 -17.86
CA SER A 111 8.13 14.98 -18.40
C SER A 111 7.30 15.13 -19.68
N GLU A 112 7.30 14.09 -20.48
CA GLU A 112 6.57 14.09 -21.76
C GLU A 112 5.13 13.66 -21.60
N SER A 113 4.74 13.31 -20.39
CA SER A 113 3.38 12.88 -20.04
C SER A 113 2.61 14.03 -19.37
N SER A 114 1.34 14.13 -19.73
CA SER A 114 0.42 15.13 -19.18
C SER A 114 -0.08 14.57 -17.84
N VAL A 115 0.52 13.42 -17.55
CA VAL A 115 0.21 12.63 -16.36
C VAL A 115 1.52 12.25 -15.66
N GLN A 116 1.52 12.73 -14.45
CA GLN A 116 2.56 12.65 -13.46
C GLN A 116 2.13 11.72 -12.31
N ILE A 117 3.15 11.47 -11.50
CA ILE A 117 2.95 10.65 -10.30
C ILE A 117 3.49 11.46 -9.12
N ASN A 118 2.74 11.30 -8.04
CA ASN A 118 3.05 11.96 -6.76
C ASN A 118 3.65 10.86 -5.87
N ARG A 119 2.78 9.96 -5.48
CA ARG A 119 3.04 8.82 -4.61
C ARG A 119 2.81 7.45 -5.23
N ILE A 120 3.68 6.55 -4.78
CA ILE A 120 3.75 5.14 -5.12
C ILE A 120 3.45 4.33 -3.86
N PHE A 121 2.53 3.36 -3.98
CA PHE A 121 2.20 2.52 -2.84
C PHE A 121 2.29 1.02 -3.22
N VAL A 122 2.74 0.28 -2.23
CA VAL A 122 2.80 -1.20 -2.31
C VAL A 122 1.56 -1.53 -1.46
N ILE A 123 0.53 -2.02 -2.10
CA ILE A 123 -0.75 -2.36 -1.47
C ILE A 123 -0.94 -3.87 -1.30
N GLY A 124 0.15 -4.63 -1.49
CA GLY A 124 0.20 -6.03 -1.12
C GLY A 124 0.55 -6.93 -2.26
N GLY A 125 0.52 -8.24 -1.93
CA GLY A 125 0.21 -8.90 -0.66
C GLY A 125 1.56 -9.27 -0.03
N ALA A 126 1.53 -10.45 0.52
CA ALA A 126 2.67 -11.08 1.19
C ALA A 126 4.00 -10.99 0.48
N GLN A 127 4.13 -11.67 -0.64
CA GLN A 127 5.42 -11.66 -1.35
C GLN A 127 5.88 -10.28 -1.81
N LEU A 128 4.95 -9.47 -2.21
CA LEU A 128 5.26 -8.12 -2.73
C LEU A 128 5.67 -7.20 -1.59
N TYR A 129 5.21 -7.57 -0.42
CA TYR A 129 5.47 -6.87 0.85
C TYR A 129 6.93 -7.18 1.23
N LYS A 130 7.31 -8.41 0.99
CA LYS A 130 8.67 -8.92 1.25
C LYS A 130 9.77 -8.16 0.53
N ALA A 131 9.61 -7.99 -0.75
CA ALA A 131 10.51 -7.31 -1.69
C ALA A 131 10.52 -5.79 -1.54
N ALA A 132 9.47 -5.28 -0.92
CA ALA A 132 9.24 -3.86 -0.67
C ALA A 132 10.10 -3.55 0.55
N MET A 133 10.03 -4.50 1.48
CA MET A 133 10.75 -4.45 2.75
C MET A 133 12.27 -4.51 2.54
N ASP A 134 12.76 -5.18 1.52
CA ASP A 134 14.22 -5.24 1.28
C ASP A 134 14.71 -4.09 0.38
N HIS A 135 13.78 -3.49 -0.35
CA HIS A 135 14.06 -2.38 -1.27
C HIS A 135 14.56 -1.18 -0.48
N PRO A 136 15.70 -0.65 -0.92
CA PRO A 136 16.32 0.52 -0.30
C PRO A 136 15.50 1.80 -0.35
N LYS A 137 14.33 1.84 -0.96
CA LYS A 137 13.54 3.08 -1.05
C LYS A 137 12.26 3.05 -0.21
N LEU A 138 12.14 2.00 0.57
CA LEU A 138 10.92 1.80 1.41
C LEU A 138 11.25 2.43 2.76
N ASP A 139 10.49 3.44 3.13
CA ASP A 139 10.71 4.19 4.37
C ASP A 139 9.44 4.52 5.15
N ARG A 140 8.31 4.01 4.71
CA ARG A 140 7.08 4.41 5.43
C ARG A 140 6.07 3.29 5.43
N ILE A 141 5.55 2.94 6.59
CA ILE A 141 4.53 1.90 6.67
C ILE A 141 3.22 2.48 7.24
N MET A 142 2.27 2.51 6.37
CA MET A 142 0.90 2.99 6.61
C MET A 142 0.17 1.69 7.00
N ALA A 143 0.21 1.39 8.28
CA ALA A 143 -0.45 0.16 8.75
C ALA A 143 -1.64 0.41 9.70
N THR A 144 -2.63 -0.45 9.46
CA THR A 144 -3.87 -0.52 10.21
C THR A 144 -3.74 -1.74 11.11
N ILE A 145 -3.91 -1.59 12.40
CA ILE A 145 -3.77 -2.72 13.32
C ILE A 145 -5.05 -3.13 13.97
N ILE A 146 -5.45 -4.36 13.73
CA ILE A 146 -6.65 -5.00 14.26
C ILE A 146 -6.30 -5.80 15.52
N TYR A 147 -6.92 -5.39 16.61
CA TYR A 147 -6.79 -5.96 17.94
C TYR A 147 -7.68 -7.18 18.16
N LYS A 148 -7.60 -8.05 17.19
CA LYS A 148 -8.30 -9.33 17.14
C LYS A 148 -7.42 -10.37 16.44
N ASP A 149 -7.36 -11.52 17.09
CA ASP A 149 -6.56 -12.65 16.59
C ASP A 149 -7.37 -13.41 15.53
N ILE A 150 -7.35 -12.88 14.32
CA ILE A 150 -8.08 -13.53 13.22
C ILE A 150 -7.12 -14.50 12.52
N HIS A 151 -7.60 -15.74 12.49
CA HIS A 151 -6.84 -16.83 11.87
C HIS A 151 -6.59 -16.45 10.42
N CYS A 152 -5.32 -16.24 10.14
CA CYS A 152 -4.77 -15.86 8.85
C CYS A 152 -3.81 -16.95 8.34
N ASP A 153 -3.74 -17.14 7.03
CA ASP A 153 -2.85 -18.14 6.45
C ASP A 153 -1.56 -17.45 5.99
N VAL A 154 -1.60 -16.18 5.66
CA VAL A 154 -0.48 -15.37 5.19
C VAL A 154 -0.17 -14.26 6.20
N PHE A 155 1.12 -14.13 6.45
CA PHE A 155 1.69 -13.18 7.37
C PHE A 155 2.59 -12.17 6.65
N PHE A 156 2.68 -11.06 7.36
CA PHE A 156 3.49 -9.91 6.96
C PHE A 156 4.95 -10.30 7.24
N PRO A 157 5.78 -10.15 6.22
CA PRO A 157 7.20 -10.47 6.24
C PRO A 157 8.18 -9.97 7.29
N LEU A 158 7.99 -8.82 7.87
CA LEU A 158 8.87 -8.19 8.87
C LEU A 158 8.01 -7.73 10.05
N LYS A 159 8.43 -8.11 11.22
CA LYS A 159 7.80 -7.78 12.50
C LYS A 159 8.40 -6.43 12.94
N PHE A 160 8.05 -5.42 12.20
CA PHE A 160 8.39 -4.01 12.22
C PHE A 160 8.00 -3.25 13.48
N ARG A 161 6.96 -3.71 14.13
CA ARG A 161 6.48 -3.07 15.36
C ARG A 161 7.21 -3.60 16.60
N ASP A 162 7.80 -4.77 16.47
CA ASP A 162 8.51 -5.43 17.58
C ASP A 162 9.84 -4.74 17.90
N LYS A 163 10.21 -4.94 19.14
CA LYS A 163 11.40 -4.43 19.80
C LYS A 163 12.67 -4.67 19.00
N GLU A 164 12.79 -5.80 18.33
CA GLU A 164 13.99 -6.11 17.56
C GLU A 164 14.25 -5.13 16.42
N TRP A 165 13.20 -4.50 15.93
CA TRP A 165 13.29 -3.53 14.84
C TRP A 165 13.05 -2.09 15.29
N SER A 166 12.97 -1.89 16.56
CA SER A 166 12.66 -0.61 17.21
C SER A 166 13.71 0.48 17.17
N SER A 167 14.72 0.27 16.33
CA SER A 167 15.81 1.26 16.19
C SER A 167 15.72 1.82 14.78
N VAL A 168 15.02 1.12 13.94
CA VAL A 168 14.75 1.43 12.52
C VAL A 168 13.43 2.20 12.47
N TRP A 169 12.43 1.34 12.53
CA TRP A 169 11.02 1.65 12.52
C TRP A 169 10.50 2.33 13.78
N LYS A 170 10.02 3.54 13.52
CA LYS A 170 9.41 4.36 14.55
C LYS A 170 8.00 4.75 14.04
N LYS A 171 7.18 4.72 15.08
CA LYS A 171 5.76 5.07 14.91
C LYS A 171 5.74 6.59 15.14
N GLU A 172 5.23 7.30 14.15
CA GLU A 172 5.09 8.75 14.15
C GLU A 172 3.85 9.25 14.89
N LYS A 173 3.92 10.49 15.34
CA LYS A 173 2.82 11.19 16.03
C LYS A 173 1.54 11.14 15.19
N HIS A 174 0.38 11.16 15.85
CA HIS A 174 -0.90 11.08 15.10
C HIS A 174 -0.92 12.28 14.14
N SER A 175 -0.32 13.34 14.64
CA SER A 175 -0.20 14.59 13.88
C SER A 175 0.48 14.31 12.55
N ASP A 176 1.69 13.76 12.64
CA ASP A 176 2.45 13.45 11.42
C ASP A 176 1.61 12.65 10.43
N LEU A 177 0.92 11.63 10.89
CA LEU A 177 0.10 10.81 9.99
C LEU A 177 -0.91 11.65 9.22
N GLU A 178 -1.78 12.31 9.96
CA GLU A 178 -2.82 13.18 9.38
C GLU A 178 -2.24 14.15 8.34
N SER A 179 -1.18 14.84 8.69
CA SER A 179 -0.57 15.82 7.79
C SER A 179 -0.18 15.10 6.49
N TRP A 180 0.53 14.00 6.63
CA TRP A 180 0.98 13.20 5.48
C TRP A 180 -0.16 12.81 4.55
N VAL A 181 -1.21 12.32 5.12
CA VAL A 181 -2.44 11.82 4.55
C VAL A 181 -3.33 13.02 4.19
N GLY A 182 -2.78 14.17 4.51
CA GLY A 182 -3.35 15.48 4.29
C GLY A 182 -4.67 15.83 4.94
N THR A 183 -5.47 14.84 5.24
CA THR A 183 -6.80 14.94 5.86
C THR A 183 -6.80 14.35 7.27
N LYS A 184 -7.68 14.79 8.14
CA LYS A 184 -7.80 14.31 9.53
C LYS A 184 -8.30 12.87 9.53
N VAL A 185 -7.78 12.10 10.47
CA VAL A 185 -8.08 10.68 10.64
C VAL A 185 -8.42 10.37 12.09
N PRO A 186 -9.24 9.36 12.27
CA PRO A 186 -9.64 8.91 13.60
C PRO A 186 -8.40 8.56 14.41
N HIS A 187 -8.42 9.06 15.63
CA HIS A 187 -7.35 8.84 16.60
C HIS A 187 -7.96 7.75 17.47
N GLY A 188 -7.17 6.96 18.15
CA GLY A 188 -7.71 5.89 19.01
C GLY A 188 -8.34 4.81 18.13
N LYS A 189 -8.92 3.87 18.84
CA LYS A 189 -9.56 2.69 18.25
C LYS A 189 -10.92 2.95 17.64
N ILE A 190 -11.16 2.22 16.55
CA ILE A 190 -12.34 2.19 15.71
C ILE A 190 -12.90 0.76 15.73
N ASN A 191 -14.09 0.62 16.26
CA ASN A 191 -14.78 -0.69 16.34
C ASN A 191 -15.70 -0.66 15.11
N GLU A 192 -15.65 -1.75 14.38
CA GLU A 192 -16.44 -1.88 13.15
C GLU A 192 -16.81 -3.34 12.93
N ASP A 193 -17.96 -3.66 13.44
CA ASP A 193 -18.57 -4.98 13.32
C ASP A 193 -17.67 -6.10 13.86
N GLY A 194 -17.35 -5.97 15.14
CA GLY A 194 -16.52 -6.97 15.83
C GLY A 194 -15.01 -6.72 16.06
N PHE A 195 -14.31 -6.18 15.10
CA PHE A 195 -12.85 -5.99 15.27
C PHE A 195 -12.58 -4.58 15.82
N ASP A 196 -11.49 -4.53 16.56
CA ASP A 196 -10.96 -3.32 17.19
C ASP A 196 -9.77 -3.01 16.29
N TYR A 197 -9.64 -1.80 15.81
CA TYR A 197 -8.51 -1.49 14.95
C TYR A 197 -8.04 -0.06 15.21
N GLU A 198 -7.01 0.25 14.42
CA GLU A 198 -6.35 1.54 14.50
C GLU A 198 -5.30 1.74 13.42
N PHE A 199 -5.09 2.98 13.08
CA PHE A 199 -4.17 3.49 12.07
C PHE A 199 -2.87 3.97 12.74
N GLU A 200 -1.79 3.64 12.07
CA GLU A 200 -0.42 3.97 12.40
C GLU A 200 0.46 4.26 11.18
N MET A 201 1.46 5.06 11.44
CA MET A 201 2.48 5.44 10.41
C MET A 201 3.82 5.12 11.12
N TRP A 202 4.55 4.26 10.48
CA TRP A 202 5.88 3.76 10.88
C TRP A 202 6.80 4.40 9.85
N THR A 203 8.00 4.83 10.21
CA THR A 203 8.93 5.45 9.27
C THR A 203 10.34 4.92 9.64
N ARG A 204 11.20 4.94 8.62
CA ARG A 204 12.59 4.47 8.80
C ARG A 204 13.51 5.43 8.05
N ASP A 205 14.78 5.47 8.46
CA ASP A 205 15.77 6.35 7.82
C ASP A 205 16.42 5.44 6.76
N LEU A 206 16.42 5.84 5.53
CA LEU A 206 17.01 5.08 4.43
C LEU A 206 18.54 5.11 4.50
#